data_5HYM
#
_entry.id   5HYM
#
_cell.length_a   106.980
_cell.length_b   106.980
_cell.length_c   143.390
_cell.angle_alpha   90.000
_cell.angle_beta   90.000
_cell.angle_gamma   90.000
#
_symmetry.space_group_name_H-M   'I 41 2 2'
#
loop_
_entity.id
_entity.type
_entity.pdbx_description
1 polymer 'Probable salicylate monooxygenase'
2 non-polymer 'FLAVIN-ADENINE DINUCLEOTIDE'
3 non-polymer Phosphatidylinositol
4 non-polymer 'CHLORIDE ION'
5 water water
#
_entity_poly.entity_id   1
_entity_poly.type   'polypeptide(L)'
_entity_poly.pdbx_seq_one_letter_code
;MSNLQDARIIIAGGGIGGAANALALAQKGANVTLFERASEFGEVGAGLQVGPHGARILDSWGVLDDVLSRAFLPKNIVFR
DAITAEVLTKIDLGSEFRGRYGGPYFVTHRSDLHATLVDAARAAGAELHTGVTVTDVITEGDKAIVSTDDGRTHEADIAL
GMDGLKSRLREKISGDEPVSSGYAAYRGTTPYRDVELDEDIEDVVGYIGPRCHFIQYPLRGGEMLNQVAVFESPGFKNGI
ENWGGPEELEQAYAHCHENVRRGIDYLWKDRWWPMYDREPIENWVDGRMILLGDAAHPPLQYLASGAVMAIEDAKCLADY
AAEDFSTGGNSAWPQILKEVNTERAPRCNRILTTGRMWGELWHLDGTARIARNELFRTRDTSSYKYTDWLWGYSSDRASK
LGPEQKLISEEDLNSAVDHHHHHH
;
_entity_poly.pdbx_strand_id   A
#
loop_
_chem_comp.id
_chem_comp.type
_chem_comp.name
_chem_comp.formula
CL non-polymer 'CHLORIDE ION' 'Cl -1'
FAD non-polymer 'FLAVIN-ADENINE DINUCLEOTIDE' 'C27 H33 N9 O15 P2'
T7X non-polymer Phosphatidylinositol 'C47 H83 O13 P'
#
# COMPACT_ATOMS: atom_id res chain seq x y z
N ASN A 3 28.36 0.11 1.14
CA ASN A 3 27.53 1.23 0.57
C ASN A 3 27.50 1.29 -0.97
N LEU A 4 26.77 2.25 -1.53
CA LEU A 4 26.43 2.30 -2.95
C LEU A 4 27.00 3.47 -3.73
N GLN A 5 28.12 4.02 -3.28
CA GLN A 5 28.70 5.24 -3.89
C GLN A 5 28.75 5.30 -5.42
N ASP A 6 29.32 4.29 -6.04
CA ASP A 6 29.47 4.35 -7.49
C ASP A 6 28.27 3.86 -8.30
N ALA A 7 27.20 3.47 -7.61
CA ALA A 7 26.02 2.92 -8.27
C ALA A 7 25.10 4.00 -8.82
N ARG A 8 24.62 3.81 -10.06
CA ARG A 8 23.60 4.66 -10.67
C ARG A 8 22.31 3.86 -10.81
N ILE A 9 21.22 4.39 -10.26
CA ILE A 9 19.89 3.73 -10.32
C ILE A 9 18.88 4.73 -10.86
N ILE A 10 18.06 4.29 -11.81
CA ILE A 10 16.95 5.07 -12.32
C ILE A 10 15.66 4.39 -11.86
N ILE A 11 14.67 5.22 -11.53
CA ILE A 11 13.39 4.81 -11.00
C ILE A 11 12.29 5.42 -11.83
N ALA A 12 11.49 4.57 -12.43
CA ALA A 12 10.39 5.05 -13.21
C ALA A 12 9.19 4.99 -12.32
N GLY A 13 8.76 6.14 -11.80
CA GLY A 13 7.50 6.26 -11.06
C GLY A 13 7.82 6.81 -9.69
N GLY A 14 7.05 7.78 -9.26
CA GLY A 14 7.32 8.50 -8.05
C GLY A 14 6.13 8.53 -7.14
N GLY A 15 5.45 7.38 -7.01
CA GLY A 15 4.45 7.18 -5.97
C GLY A 15 5.16 6.93 -4.65
N ILE A 16 4.41 6.40 -3.69
CA ILE A 16 4.98 6.06 -2.42
C ILE A 16 6.15 5.12 -2.63
N GLY A 17 5.99 4.19 -3.54
CA GLY A 17 6.99 3.18 -3.74
C GLY A 17 8.26 3.73 -4.33
N GLY A 18 8.13 4.52 -5.39
CA GLY A 18 9.30 5.18 -6.08
C GLY A 18 10.09 6.10 -5.16
N ALA A 19 9.35 6.95 -4.47
CA ALA A 19 9.88 7.82 -3.41
C ALA A 19 10.62 7.08 -2.28
N ALA A 20 10.02 6.01 -1.77
CA ALA A 20 10.66 5.22 -0.76
C ALA A 20 11.93 4.57 -1.28
N ASN A 21 11.95 4.10 -2.51
CA ASN A 21 13.19 3.55 -3.06
C ASN A 21 14.28 4.62 -3.28
N ALA A 22 13.87 5.80 -3.70
CA ALA A 22 14.83 6.93 -3.87
C ALA A 22 15.48 7.25 -2.53
N LEU A 23 14.67 7.29 -1.48
CA LEU A 23 15.19 7.55 -0.14
C LEU A 23 16.16 6.45 0.28
N ALA A 24 15.72 5.20 0.20
CA ALA A 24 16.53 4.11 0.74
C ALA A 24 17.90 4.00 0.00
N LEU A 25 17.89 4.08 -1.33
CA LEU A 25 19.15 4.02 -2.09
C LEU A 25 20.04 5.22 -1.86
N ALA A 26 19.44 6.42 -1.81
CA ALA A 26 20.22 7.65 -1.69
C ALA A 26 20.91 7.74 -0.33
N GLN A 27 20.28 7.24 0.72
CA GLN A 27 20.94 7.14 2.04
C GLN A 27 22.11 6.21 2.00
N LYS A 28 22.15 5.22 1.11
CA LYS A 28 23.32 4.32 1.03
C LYS A 28 24.47 4.93 0.23
N GLY A 29 24.22 6.06 -0.43
CA GLY A 29 25.22 6.73 -1.25
C GLY A 29 25.06 6.50 -2.74
N ALA A 30 23.98 5.86 -3.16
CA ALA A 30 23.68 5.68 -4.58
C ALA A 30 23.40 7.01 -5.32
N ASN A 31 23.67 7.01 -6.62
CA ASN A 31 23.26 8.10 -7.51
C ASN A 31 21.92 7.68 -8.06
N VAL A 32 20.89 8.43 -7.70
CA VAL A 32 19.54 8.08 -7.96
C VAL A 32 18.94 9.13 -8.80
N THR A 33 18.29 8.68 -9.89
CA THR A 33 17.50 9.53 -10.75
C THR A 33 16.11 8.92 -10.76
N LEU A 34 15.09 9.70 -10.44
CA LEU A 34 13.71 9.23 -10.51
C LEU A 34 12.85 10.08 -11.48
N PHE A 35 12.12 9.44 -12.37
CA PHE A 35 11.15 10.13 -13.22
C PHE A 35 9.70 9.90 -12.77
N GLU A 36 8.95 10.98 -12.59
CA GLU A 36 7.51 10.91 -12.30
C GLU A 36 6.74 11.59 -13.43
N ARG A 37 5.77 10.86 -13.99
CA ARG A 37 4.94 11.33 -15.09
C ARG A 37 4.17 12.62 -14.77
N ALA A 38 3.45 12.64 -13.64
CA ALA A 38 2.57 13.79 -13.34
C ALA A 38 3.43 15.04 -13.16
N SER A 39 2.82 16.21 -13.31
CA SER A 39 3.60 17.47 -13.27
C SER A 39 4.00 17.86 -11.83
N GLU A 40 3.32 17.33 -10.80
CA GLU A 40 3.78 17.45 -9.40
C GLU A 40 3.75 16.11 -8.64
N PHE A 41 4.67 15.97 -7.70
CA PHE A 41 4.53 14.95 -6.65
C PHE A 41 3.31 15.27 -5.78
N GLY A 42 2.47 14.27 -5.60
CA GLY A 42 1.22 14.45 -4.89
C GLY A 42 0.54 13.11 -4.71
N GLU A 43 -0.15 12.97 -3.57
CA GLU A 43 -1.02 11.84 -3.30
C GLU A 43 -2.38 12.34 -2.88
N VAL A 44 -3.31 11.41 -2.78
CA VAL A 44 -4.68 11.70 -2.42
C VAL A 44 -4.63 12.23 -1.01
N GLY A 45 -5.39 13.29 -0.76
CA GLY A 45 -5.59 13.77 0.63
C GLY A 45 -6.58 12.91 1.43
N ALA A 46 -6.37 11.58 1.47
CA ALA A 46 -7.17 10.71 2.29
C ALA A 46 -6.22 9.79 3.06
N GLY A 47 -6.79 9.02 3.98
CA GLY A 47 -5.99 8.25 4.90
C GLY A 47 -5.35 7.04 4.27
N LEU A 48 -4.29 6.56 4.90
CA LEU A 48 -3.87 5.17 4.76
C LEU A 48 -3.38 4.69 6.12
N GLN A 49 -3.27 3.38 6.25
CA GLN A 49 -2.85 2.71 7.46
C GLN A 49 -1.46 2.20 7.24
N VAL A 50 -0.58 2.35 8.22
CA VAL A 50 0.77 1.83 8.15
C VAL A 50 1.05 1.05 9.42
N GLY A 51 1.07 -0.26 9.27
CA GLY A 51 1.29 -1.16 10.40
C GLY A 51 2.75 -1.17 10.82
N PRO A 52 3.06 -1.89 11.87
CA PRO A 52 4.46 -1.89 12.32
C PRO A 52 5.53 -2.40 11.30
N HIS A 53 5.12 -3.31 10.42
CA HIS A 53 5.95 -3.75 9.26
C HIS A 53 6.41 -2.62 8.31
N GLY A 54 5.63 -1.54 8.23
CA GLY A 54 6.10 -0.31 7.62
C GLY A 54 6.80 0.64 8.56
N ALA A 55 6.23 0.80 9.76
CA ALA A 55 6.67 1.80 10.68
C ALA A 55 8.14 1.63 11.05
N ARG A 56 8.53 0.39 11.33
CA ARG A 56 9.90 0.02 11.57
C ARG A 56 10.86 0.54 10.56
N ILE A 57 10.46 0.42 9.30
CA ILE A 57 11.35 0.72 8.20
C ILE A 57 11.51 2.24 8.09
N LEU A 58 10.40 2.95 8.25
CA LEU A 58 10.42 4.39 8.27
C LEU A 58 11.32 4.92 9.39
N ASP A 59 11.27 4.26 10.55
CA ASP A 59 12.17 4.61 11.62
C ASP A 59 13.63 4.40 11.23
N SER A 60 13.95 3.28 10.58
CA SER A 60 15.34 3.05 10.25
C SER A 60 15.89 4.03 9.18
N TRP A 61 15.00 4.69 8.42
CA TRP A 61 15.42 5.81 7.57
C TRP A 61 15.44 7.15 8.31
N GLY A 62 14.97 7.22 9.55
CA GLY A 62 14.96 8.46 10.37
C GLY A 62 13.79 9.40 10.12
N VAL A 63 12.69 8.93 9.48
CA VAL A 63 11.54 9.78 9.14
C VAL A 63 10.26 9.45 9.94
N LEU A 64 10.31 8.48 10.83
CA LEU A 64 9.12 8.07 11.56
C LEU A 64 8.67 9.14 12.56
N ASP A 65 9.61 9.69 13.32
CA ASP A 65 9.26 10.76 14.28
C ASP A 65 8.52 11.91 13.61
N ASP A 66 9.09 12.34 12.49
CA ASP A 66 8.49 13.39 11.69
C ASP A 66 7.12 12.98 11.18
N VAL A 67 7.02 11.78 10.59
CA VAL A 67 5.74 11.24 10.12
C VAL A 67 4.70 11.16 11.24
N LEU A 68 5.13 10.73 12.41
CA LEU A 68 4.22 10.58 13.55
C LEU A 68 3.69 11.89 14.07
N SER A 69 4.52 12.94 14.02
CA SER A 69 4.13 14.30 14.40
C SER A 69 2.90 14.85 13.64
N ARG A 70 2.58 14.29 12.48
CA ARG A 70 1.39 14.67 11.71
C ARG A 70 0.36 13.52 11.54
N ALA A 71 0.62 12.38 12.19
CA ALA A 71 -0.12 11.13 12.03
C ALA A 71 -1.11 10.92 13.18
N PHE A 72 -1.90 9.83 13.11
CA PHE A 72 -2.70 9.39 14.29
C PHE A 72 -2.29 7.99 14.77
N LEU A 73 -2.28 7.81 16.08
CA LEU A 73 -1.95 6.53 16.77
C LEU A 73 -3.18 5.83 17.35
N PRO A 74 -3.82 4.92 16.60
CA PRO A 74 -5.07 4.37 17.17
C PRO A 74 -4.75 3.37 18.28
N LYS A 75 -5.67 3.23 19.23
CA LYS A 75 -5.46 2.26 20.31
C LYS A 75 -5.75 0.85 19.88
N ASN A 76 -6.68 0.64 18.97
CA ASN A 76 -7.12 -0.73 18.55
C ASN A 76 -7.56 -0.76 17.11
N ILE A 77 -7.66 -1.96 16.55
CA ILE A 77 -8.46 -2.20 15.33
C ILE A 77 -9.75 -2.90 15.81
N VAL A 78 -10.90 -2.34 15.50
CA VAL A 78 -12.15 -2.83 16.08
C VAL A 78 -12.95 -3.31 14.89
N PHE A 79 -13.34 -4.58 14.86
CA PHE A 79 -14.25 -5.10 13.84
C PHE A 79 -15.65 -5.12 14.43
N ARG A 80 -16.59 -4.62 13.67
CA ARG A 80 -17.98 -4.62 14.04
C ARG A 80 -18.79 -5.23 12.93
N ASP A 81 -19.95 -5.78 13.28
CA ASP A 81 -20.93 -6.27 12.31
C ASP A 81 -21.63 -5.10 11.65
N ALA A 82 -21.69 -5.08 10.32
CA ALA A 82 -22.22 -3.92 9.60
C ALA A 82 -23.73 -3.78 9.73
N ILE A 83 -24.40 -4.89 10.08
CA ILE A 83 -25.86 -4.87 10.24
C ILE A 83 -26.29 -4.52 11.66
N THR A 84 -25.69 -5.14 12.67
CA THR A 84 -26.05 -4.85 14.06
C THR A 84 -25.21 -3.78 14.76
N ALA A 85 -24.09 -3.39 14.17
CA ALA A 85 -23.06 -2.55 14.84
C ALA A 85 -22.40 -3.12 16.11
N GLU A 86 -22.57 -4.40 16.35
CA GLU A 86 -21.98 -5.05 17.51
C GLU A 86 -20.48 -5.29 17.25
N VAL A 87 -19.68 -5.10 18.29
CA VAL A 87 -18.28 -5.47 18.33
C VAL A 87 -18.10 -6.98 18.17
N LEU A 88 -17.24 -7.34 17.25
CA LEU A 88 -16.94 -8.74 17.03
C LEU A 88 -15.62 -9.03 17.65
N THR A 89 -14.62 -8.19 17.38
CA THR A 89 -13.35 -8.35 18.08
C THR A 89 -12.47 -7.13 18.00
N LYS A 90 -11.40 -7.13 18.80
CA LYS A 90 -10.39 -6.09 18.79
C LYS A 90 -8.99 -6.65 18.70
N ILE A 91 -8.16 -5.95 17.97
CA ILE A 91 -6.73 -6.09 18.04
C ILE A 91 -6.15 -4.92 18.85
N ASP A 92 -5.51 -5.22 19.96
CA ASP A 92 -4.95 -4.18 20.83
C ASP A 92 -3.63 -3.62 20.24
N LEU A 93 -3.55 -2.31 20.04
CA LEU A 93 -2.33 -1.71 19.41
C LEU A 93 -1.34 -1.11 20.43
N GLY A 94 -1.51 -1.47 21.72
CA GLY A 94 -0.72 -1.00 22.88
C GLY A 94 0.70 -1.53 22.94
N SER A 95 1.32 -1.41 24.11
CA SER A 95 2.78 -1.56 24.27
C SER A 95 3.30 -2.97 24.00
N GLU A 96 2.47 -3.97 24.29
CA GLU A 96 2.76 -5.39 23.98
C GLU A 96 2.88 -5.61 22.46
N PHE A 97 1.89 -5.07 21.76
CA PHE A 97 1.84 -5.06 20.33
C PHE A 97 3.11 -4.41 19.77
N ARG A 98 3.49 -3.25 20.31
CA ARG A 98 4.63 -2.49 19.77
C ARG A 98 5.92 -3.17 20.10
N GLY A 99 6.03 -3.67 21.31
CA GLY A 99 7.18 -4.48 21.70
C GLY A 99 7.40 -5.74 20.87
N ARG A 100 6.32 -6.45 20.52
CA ARG A 100 6.43 -7.66 19.69
C ARG A 100 6.83 -7.39 18.25
N TYR A 101 6.24 -6.35 17.67
CA TYR A 101 6.46 -6.01 16.25
C TYR A 101 7.47 -4.90 15.93
N GLY A 102 7.97 -4.19 16.96
CA GLY A 102 9.08 -3.24 16.82
C GLY A 102 8.71 -1.81 16.35
N GLY A 103 7.44 -1.44 16.48
CA GLY A 103 6.95 -0.16 16.02
C GLY A 103 5.44 -0.07 16.16
N PRO A 104 4.89 1.14 15.98
CA PRO A 104 3.48 1.41 16.11
C PRO A 104 2.69 1.10 14.86
N TYR A 105 1.39 0.87 15.01
CA TYR A 105 0.43 0.86 13.92
C TYR A 105 -0.12 2.27 13.94
N PHE A 106 -0.02 2.94 12.79
CA PHE A 106 -0.45 4.33 12.67
C PHE A 106 -1.23 4.54 11.37
N VAL A 107 -1.93 5.66 11.33
CA VAL A 107 -2.68 6.10 10.18
C VAL A 107 -2.24 7.58 9.93
N THR A 108 -2.21 7.99 8.67
CA THR A 108 -1.88 9.35 8.30
C THR A 108 -2.50 9.68 6.93
N HIS A 109 -2.40 10.93 6.50
CA HIS A 109 -2.77 11.29 5.12
C HIS A 109 -1.73 10.72 4.20
N ARG A 110 -2.18 10.08 3.12
CA ARG A 110 -1.28 9.58 2.12
C ARG A 110 -0.35 10.69 1.65
N SER A 111 -0.91 11.88 1.38
CA SER A 111 -0.17 13.07 0.85
C SER A 111 0.99 13.46 1.74
N ASP A 112 0.75 13.40 3.03
CA ASP A 112 1.79 13.81 3.95
C ASP A 112 2.89 12.77 4.07
N LEU A 113 2.50 11.48 4.07
CA LEU A 113 3.51 10.45 4.06
C LEU A 113 4.35 10.63 2.81
N HIS A 114 3.69 10.83 1.68
CA HIS A 114 4.34 10.94 0.37
C HIS A 114 5.35 12.11 0.31
N ALA A 115 4.87 13.27 0.72
CA ALA A 115 5.72 14.45 0.76
C ALA A 115 6.89 14.27 1.70
N THR A 116 6.69 13.57 2.81
CA THR A 116 7.81 13.29 3.73
C THR A 116 8.94 12.43 3.10
N LEU A 117 8.53 11.36 2.38
CA LEU A 117 9.48 10.52 1.68
C LEU A 117 10.19 11.25 0.51
N VAL A 118 9.46 12.04 -0.25
CA VAL A 118 10.05 12.83 -1.33
C VAL A 118 11.10 13.81 -0.77
N ASP A 119 10.73 14.61 0.22
CA ASP A 119 11.66 15.56 0.88
C ASP A 119 12.92 14.90 1.43
N ALA A 120 12.79 13.79 2.14
CA ALA A 120 13.97 13.11 2.69
C ALA A 120 14.79 12.48 1.57
N ALA A 121 14.15 12.01 0.51
CA ALA A 121 14.90 11.47 -0.62
C ALA A 121 15.70 12.58 -1.29
N ARG A 122 15.07 13.73 -1.42
CA ARG A 122 15.78 14.93 -1.94
C ARG A 122 16.97 15.31 -1.05
N ALA A 123 16.68 15.51 0.23
CA ALA A 123 17.71 15.81 1.23
C ALA A 123 18.85 14.76 1.22
N ALA A 124 18.53 13.49 0.94
CA ALA A 124 19.55 12.48 0.89
C ALA A 124 20.35 12.42 -0.42
N GLY A 125 19.92 13.17 -1.43
CA GLY A 125 20.70 13.31 -2.68
C GLY A 125 20.04 12.77 -3.93
N ALA A 126 18.84 12.22 -3.81
CA ALA A 126 18.11 11.74 -4.99
C ALA A 126 17.75 12.90 -5.87
N GLU A 127 17.89 12.74 -7.18
CA GLU A 127 17.47 13.75 -8.15
C GLU A 127 16.14 13.33 -8.69
N LEU A 128 15.12 14.10 -8.38
CA LEU A 128 13.74 13.78 -8.75
C LEU A 128 13.31 14.71 -9.88
N HIS A 129 12.56 14.15 -10.82
CA HIS A 129 12.06 14.90 -12.00
C HIS A 129 10.58 14.64 -12.18
N THR A 130 9.78 15.71 -12.14
CA THR A 130 8.36 15.67 -12.45
C THR A 130 8.15 15.98 -13.94
N GLY A 131 6.96 15.66 -14.40
CA GLY A 131 6.57 15.87 -15.78
C GLY A 131 7.36 15.04 -16.78
N VAL A 132 7.93 13.91 -16.34
CA VAL A 132 8.71 13.07 -17.26
C VAL A 132 8.23 11.63 -17.25
N THR A 133 7.79 11.15 -18.42
CA THR A 133 7.25 9.79 -18.62
C THR A 133 8.31 8.85 -19.16
N VAL A 134 8.54 7.73 -18.47
CA VAL A 134 9.44 6.70 -19.00
C VAL A 134 8.62 5.90 -20.03
N THR A 135 9.15 5.83 -21.25
CA THR A 135 8.54 5.19 -22.39
C THR A 135 9.12 3.79 -22.67
N ASP A 136 10.34 3.50 -22.21
CA ASP A 136 10.95 2.19 -22.43
C ASP A 136 12.17 1.98 -21.50
N VAL A 137 12.44 0.71 -21.19
CA VAL A 137 13.66 0.25 -20.51
C VAL A 137 14.13 -1.00 -21.22
N ILE A 138 15.40 -1.03 -21.61
CA ILE A 138 16.00 -2.24 -22.15
C ILE A 138 17.30 -2.42 -21.38
N THR A 139 17.86 -3.62 -21.42
CA THR A 139 19.18 -3.91 -20.88
C THR A 139 20.09 -4.17 -22.10
N GLU A 140 21.30 -3.65 -22.06
CA GLU A 140 22.27 -3.87 -23.13
C GLU A 140 23.64 -3.94 -22.47
N GLY A 141 24.34 -5.05 -22.63
CA GLY A 141 25.56 -5.29 -21.87
C GLY A 141 25.23 -5.28 -20.39
N ASP A 142 25.94 -4.45 -19.63
CA ASP A 142 25.83 -4.37 -18.16
C ASP A 142 25.23 -3.04 -17.71
N LYS A 143 24.39 -2.45 -18.53
CA LYS A 143 23.64 -1.26 -18.15
C LYS A 143 22.16 -1.41 -18.53
N ALA A 144 21.33 -0.62 -17.85
CA ALA A 144 19.94 -0.45 -18.16
C ALA A 144 19.86 0.85 -18.93
N ILE A 145 19.13 0.83 -20.03
CA ILE A 145 19.00 1.99 -20.91
C ILE A 145 17.54 2.43 -20.83
N VAL A 146 17.29 3.66 -20.39
CA VAL A 146 15.97 4.10 -20.05
C VAL A 146 15.66 5.24 -20.95
N SER A 147 14.46 5.22 -21.54
CA SER A 147 14.06 6.21 -22.53
C SER A 147 12.87 6.99 -22.02
N THR A 148 12.90 8.31 -22.21
CA THR A 148 11.86 9.22 -21.70
C THR A 148 11.13 9.92 -22.85
N ASP A 149 9.97 10.47 -22.54
CA ASP A 149 9.08 11.12 -23.52
C ASP A 149 9.51 12.56 -23.91
N ASP A 150 10.72 12.96 -23.51
CA ASP A 150 11.41 14.14 -24.04
C ASP A 150 12.55 13.72 -24.98
N GLY A 151 12.42 12.55 -25.62
CA GLY A 151 13.43 12.07 -26.58
C GLY A 151 14.77 11.55 -26.08
N ARG A 152 15.09 11.76 -24.80
CA ARG A 152 16.41 11.42 -24.27
C ARG A 152 16.47 9.95 -23.89
N THR A 153 17.68 9.40 -23.88
CA THR A 153 17.92 8.12 -23.26
C THR A 153 18.91 8.31 -22.13
N HIS A 154 18.94 7.33 -21.23
CA HIS A 154 19.74 7.43 -20.00
C HIS A 154 20.31 6.08 -19.62
N GLU A 155 21.54 6.11 -19.13
CA GLU A 155 22.26 4.93 -18.75
C GLU A 155 22.22 4.84 -17.20
N ALA A 156 22.03 3.62 -16.71
CA ALA A 156 22.12 3.35 -15.27
C ALA A 156 22.55 1.91 -15.06
N ASP A 157 22.99 1.55 -13.85
CA ASP A 157 23.37 0.18 -13.53
C ASP A 157 22.14 -0.76 -13.42
N ILE A 158 21.05 -0.24 -12.86
CA ILE A 158 19.73 -0.92 -12.86
C ILE A 158 18.64 0.13 -13.00
N ALA A 159 17.46 -0.32 -13.42
CA ALA A 159 16.22 0.47 -13.44
C ALA A 159 15.15 -0.15 -12.55
N LEU A 160 14.32 0.66 -11.93
CA LEU A 160 13.21 0.14 -11.14
C LEU A 160 11.91 0.51 -11.80
N GLY A 161 11.11 -0.49 -12.16
CA GLY A 161 9.82 -0.23 -12.73
C GLY A 161 8.82 -0.05 -11.61
N MET A 162 8.42 1.18 -11.35
CA MET A 162 7.56 1.45 -10.19
C MET A 162 6.40 2.28 -10.63
N ASP A 163 5.79 1.81 -11.71
CA ASP A 163 4.81 2.57 -12.41
C ASP A 163 3.37 2.14 -12.13
N GLY A 164 3.17 1.35 -11.09
CA GLY A 164 1.82 1.21 -10.58
C GLY A 164 1.04 0.02 -11.08
N LEU A 165 -0.21 -0.01 -10.65
CA LEU A 165 -1.16 -1.04 -11.01
C LEU A 165 -1.21 -1.21 -12.53
N LYS A 166 -1.36 -0.10 -13.27
CA LYS A 166 -1.47 -0.10 -14.75
C LYS A 166 -0.13 -0.02 -15.50
N SER A 167 0.92 -0.47 -14.82
CA SER A 167 2.28 -0.50 -15.33
C SER A 167 2.31 -0.87 -16.77
N ARG A 168 3.08 -0.13 -17.55
CA ARG A 168 3.41 -0.53 -18.90
C ARG A 168 4.73 -1.31 -18.93
N LEU A 169 5.71 -0.92 -18.11
CA LEU A 169 6.92 -1.73 -17.95
C LEU A 169 6.71 -3.24 -17.57
N ARG A 170 5.58 -3.55 -16.91
CA ARG A 170 5.25 -4.94 -16.58
C ARG A 170 5.16 -5.84 -17.81
N GLU A 171 4.70 -5.28 -18.93
CA GLU A 171 4.56 -6.00 -20.22
C GLU A 171 5.85 -6.65 -20.75
N LYS A 172 7.02 -6.14 -20.37
CA LYS A 172 8.30 -6.85 -20.64
C LYS A 172 8.42 -8.26 -20.02
N ILE A 173 7.64 -8.52 -18.97
CA ILE A 173 7.71 -9.72 -18.18
C ILE A 173 6.44 -10.57 -18.24
N SER A 174 5.28 -9.95 -18.47
CA SER A 174 3.96 -10.62 -18.37
C SER A 174 2.92 -9.82 -19.15
N GLY A 175 2.07 -10.52 -19.87
CA GLY A 175 0.98 -9.90 -20.58
C GLY A 175 -0.34 -10.01 -19.82
N ASP A 176 -0.34 -10.40 -18.52
CA ASP A 176 -1.60 -10.49 -17.72
C ASP A 176 -2.20 -9.14 -17.58
N GLU A 177 -3.48 -9.09 -17.30
CA GLU A 177 -4.21 -7.84 -17.15
C GLU A 177 -4.78 -7.75 -15.75
N PRO A 178 -5.12 -6.52 -15.30
CA PRO A 178 -5.79 -6.43 -14.00
C PRO A 178 -7.09 -7.22 -13.93
N VAL A 179 -7.30 -7.85 -12.78
CA VAL A 179 -8.44 -8.68 -12.45
C VAL A 179 -9.36 -7.85 -11.55
N SER A 180 -10.59 -7.62 -11.99
CA SER A 180 -11.57 -6.88 -11.22
C SER A 180 -12.01 -7.73 -10.03
N SER A 181 -12.15 -7.10 -8.88
CA SER A 181 -12.79 -7.75 -7.71
C SER A 181 -14.33 -7.62 -7.79
N GLY A 182 -14.81 -6.61 -8.52
CA GLY A 182 -16.24 -6.27 -8.56
C GLY A 182 -16.69 -5.43 -7.38
N TYR A 183 -15.73 -4.93 -6.59
CA TYR A 183 -15.98 -4.06 -5.46
C TYR A 183 -15.36 -2.72 -5.79
N ALA A 184 -16.04 -1.65 -5.36
CA ALA A 184 -15.56 -0.27 -5.53
C ALA A 184 -15.37 0.36 -4.18
N ALA A 185 -14.35 1.21 -4.06
CA ALA A 185 -14.04 1.96 -2.84
C ALA A 185 -14.28 3.42 -3.02
N TYR A 186 -14.93 4.00 -2.04
CA TYR A 186 -15.11 5.45 -1.94
C TYR A 186 -14.44 5.94 -0.67
N ARG A 187 -13.98 7.19 -0.72
CA ARG A 187 -13.28 7.82 0.36
C ARG A 187 -13.94 9.11 0.75
N GLY A 188 -13.53 9.60 1.91
CA GLY A 188 -13.96 10.85 2.45
C GLY A 188 -13.12 11.21 3.65
N THR A 189 -12.75 12.47 3.77
CA THR A 189 -12.21 12.98 5.03
C THR A 189 -13.16 14.10 5.44
N THR A 190 -13.52 14.10 6.71
CA THR A 190 -14.45 15.07 7.26
C THR A 190 -13.76 15.73 8.44
N PRO A 191 -14.06 17.01 8.71
CA PRO A 191 -13.72 17.51 10.05
C PRO A 191 -14.49 16.71 11.10
N TYR A 192 -13.76 16.28 12.12
CA TYR A 192 -14.20 15.25 13.03
C TYR A 192 -15.49 15.60 13.73
N ARG A 193 -15.51 16.86 14.18
CA ARG A 193 -16.63 17.46 14.91
C ARG A 193 -17.90 17.35 14.08
N ASP A 194 -17.75 17.71 12.80
CA ASP A 194 -18.85 17.78 11.82
C ASP A 194 -19.47 16.45 11.41
N VAL A 195 -18.82 15.33 11.74
CA VAL A 195 -19.41 13.98 11.55
C VAL A 195 -20.35 13.72 12.72
N GLU A 196 -21.60 13.38 12.41
CA GLU A 196 -22.59 12.95 13.39
C GLU A 196 -22.17 11.56 13.94
N LEU A 197 -21.53 11.56 15.11
CA LEU A 197 -21.10 10.32 15.81
C LEU A 197 -21.84 10.07 17.15
N ASP A 198 -22.41 8.86 17.28
CA ASP A 198 -23.01 8.39 18.54
C ASP A 198 -21.96 8.30 19.67
N GLU A 199 -20.82 7.70 19.36
CA GLU A 199 -19.70 7.63 20.28
C GLU A 199 -18.52 8.27 19.60
N ASP A 200 -17.51 8.60 20.39
CA ASP A 200 -16.22 9.02 19.84
C ASP A 200 -15.39 7.83 19.34
N ILE A 201 -14.47 8.14 18.43
CA ILE A 201 -13.62 7.14 17.75
C ILE A 201 -12.18 7.51 17.98
N GLU A 202 -11.45 6.64 18.63
CA GLU A 202 -9.99 6.75 18.73
C GLU A 202 -9.29 5.46 18.22
N ASP A 203 -10.02 4.72 17.38
CA ASP A 203 -9.61 3.45 16.87
C ASP A 203 -9.81 3.45 15.33
N VAL A 204 -9.21 2.47 14.69
CA VAL A 204 -9.58 2.06 13.36
C VAL A 204 -10.79 1.17 13.50
N VAL A 205 -11.93 1.57 12.96
CA VAL A 205 -13.13 0.79 13.06
C VAL A 205 -13.52 0.22 11.69
N GLY A 206 -13.67 -1.10 11.59
CA GLY A 206 -14.18 -1.77 10.39
C GLY A 206 -15.53 -2.47 10.57
N TYR A 207 -16.58 -1.92 9.95
CA TYR A 207 -17.88 -2.56 9.93
C TYR A 207 -17.92 -3.47 8.75
N ILE A 208 -18.21 -4.74 8.95
CA ILE A 208 -18.09 -5.70 7.88
C ILE A 208 -19.47 -6.33 7.68
N GLY A 209 -19.90 -6.43 6.43
CA GLY A 209 -21.27 -6.84 6.16
C GLY A 209 -21.40 -7.56 4.85
N PRO A 210 -22.58 -8.14 4.62
CA PRO A 210 -22.84 -8.84 3.38
C PRO A 210 -22.60 -7.88 2.23
N ARG A 211 -21.67 -8.25 1.34
CA ARG A 211 -21.39 -7.50 0.12
C ARG A 211 -20.98 -6.01 0.33
N CYS A 212 -20.49 -5.70 1.53
CA CYS A 212 -19.96 -4.38 1.83
C CYS A 212 -19.06 -4.33 3.09
N HIS A 213 -18.34 -3.21 3.22
CA HIS A 213 -17.74 -2.84 4.45
C HIS A 213 -17.63 -1.33 4.54
N PHE A 214 -17.36 -0.84 5.75
CA PHE A 214 -17.23 0.56 6.06
C PHE A 214 -16.17 0.77 7.11
N ILE A 215 -15.18 1.63 6.80
CA ILE A 215 -14.05 1.82 7.64
C ILE A 215 -13.95 3.27 8.05
N GLN A 216 -13.52 3.50 9.27
CA GLN A 216 -13.39 4.83 9.84
C GLN A 216 -12.18 4.91 10.71
N TYR A 217 -11.40 5.98 10.60
CA TYR A 217 -10.35 6.29 11.60
C TYR A 217 -10.00 7.76 11.66
N PRO A 218 -9.55 8.25 12.84
CA PRO A 218 -9.11 9.65 12.91
C PRO A 218 -7.77 9.87 12.22
N LEU A 219 -7.53 11.08 11.75
CA LEU A 219 -6.24 11.53 11.18
C LEU A 219 -5.79 12.76 11.97
N ARG A 220 -4.53 13.14 11.79
CA ARG A 220 -3.99 14.45 12.20
C ARG A 220 -4.49 14.79 13.61
N GLY A 221 -4.00 14.04 14.57
CA GLY A 221 -4.35 14.23 15.98
C GLY A 221 -5.84 14.27 16.34
N GLY A 222 -6.66 13.50 15.65
CA GLY A 222 -8.08 13.46 15.98
C GLY A 222 -8.92 14.64 15.49
N GLU A 223 -8.35 15.50 14.64
CA GLU A 223 -9.09 16.62 14.02
C GLU A 223 -10.00 16.22 12.85
N MET A 224 -9.53 15.39 11.94
CA MET A 224 -10.39 14.83 10.90
C MET A 224 -10.64 13.33 11.14
N LEU A 225 -11.71 12.80 10.55
CA LEU A 225 -12.11 11.41 10.51
C LEU A 225 -12.19 10.89 9.08
N ASN A 226 -11.31 9.94 8.77
CA ASN A 226 -11.24 9.31 7.46
C ASN A 226 -12.34 8.29 7.39
N GLN A 227 -13.05 8.23 6.26
CA GLN A 227 -14.09 7.26 6.07
C GLN A 227 -13.90 6.59 4.73
N VAL A 228 -14.10 5.27 4.67
CA VAL A 228 -13.92 4.48 3.42
C VAL A 228 -15.10 3.51 3.32
N ALA A 229 -15.75 3.50 2.16
CA ALA A 229 -16.83 2.58 1.88
C ALA A 229 -16.42 1.64 0.75
N VAL A 230 -16.58 0.33 0.96
CA VAL A 230 -16.29 -0.64 -0.08
C VAL A 230 -17.53 -1.54 -0.25
N PHE A 231 -18.06 -1.62 -1.47
CA PHE A 231 -19.27 -2.42 -1.78
C PHE A 231 -19.14 -3.14 -3.10
N GLU A 232 -19.84 -4.27 -3.22
CA GLU A 232 -19.90 -5.07 -4.46
C GLU A 232 -20.80 -4.34 -5.46
N SER A 233 -20.32 -4.12 -6.68
CA SER A 233 -21.03 -3.33 -7.70
C SER A 233 -21.94 -4.22 -8.49
N PRO A 234 -23.30 -4.04 -8.36
CA PRO A 234 -24.18 -4.72 -9.36
C PRO A 234 -23.80 -4.34 -10.82
N GLY A 235 -23.42 -3.08 -11.05
CA GLY A 235 -22.96 -2.65 -12.37
C GLY A 235 -21.85 -3.45 -13.04
N PHE A 236 -20.88 -3.90 -12.25
CA PHE A 236 -19.76 -4.72 -12.75
C PHE A 236 -20.20 -6.06 -13.35
N LYS A 237 -21.13 -6.75 -12.68
CA LYS A 237 -21.63 -8.07 -13.16
C LYS A 237 -22.34 -7.98 -14.50
N ASN A 238 -22.95 -6.84 -14.78
CA ASN A 238 -23.63 -6.56 -16.06
C ASN A 238 -22.72 -5.92 -17.14
N GLY A 239 -21.40 -5.86 -16.91
CA GLY A 239 -20.44 -5.39 -17.92
C GLY A 239 -20.27 -3.89 -18.14
N ILE A 240 -20.91 -3.04 -17.31
CA ILE A 240 -20.71 -1.56 -17.33
C ILE A 240 -19.18 -1.28 -17.39
N GLU A 241 -18.76 -0.33 -18.23
CA GLU A 241 -17.31 0.00 -18.36
C GLU A 241 -16.84 0.92 -17.24
N ASN A 242 -17.65 1.90 -16.91
CA ASN A 242 -17.34 2.82 -15.82
C ASN A 242 -18.24 2.39 -14.65
N TRP A 243 -17.96 1.20 -14.12
CA TRP A 243 -18.77 0.59 -13.05
C TRP A 243 -18.43 1.12 -11.64
N GLY A 244 -19.42 1.06 -10.75
CA GLY A 244 -19.23 1.42 -9.36
C GLY A 244 -19.55 2.83 -9.00
N GLY A 245 -20.33 3.50 -9.87
CA GLY A 245 -20.72 4.88 -9.65
C GLY A 245 -21.56 5.11 -8.41
N PRO A 246 -21.69 6.38 -8.01
CA PRO A 246 -22.37 6.74 -6.76
C PRO A 246 -23.85 6.47 -6.74
N GLU A 247 -24.45 6.29 -7.91
CA GLU A 247 -25.86 5.84 -8.00
C GLU A 247 -26.13 4.45 -7.37
N GLU A 248 -25.09 3.61 -7.28
CA GLU A 248 -25.15 2.32 -6.56
C GLU A 248 -25.10 2.41 -5.02
N LEU A 249 -24.63 3.55 -4.48
CA LEU A 249 -24.27 3.63 -3.06
C LEU A 249 -25.43 3.35 -2.12
N GLU A 250 -26.55 4.04 -2.31
CA GLU A 250 -27.69 3.94 -1.39
C GLU A 250 -28.28 2.52 -1.32
N GLN A 251 -28.49 1.88 -2.46
CA GLN A 251 -28.94 0.47 -2.52
C GLN A 251 -27.91 -0.52 -1.91
N ALA A 252 -26.61 -0.29 -2.13
CA ALA A 252 -25.54 -1.14 -1.57
C ALA A 252 -25.54 -1.25 -0.03
N TYR A 253 -25.83 -0.15 0.66
CA TYR A 253 -25.82 -0.09 2.14
C TYR A 253 -27.20 -0.10 2.85
N ALA A 254 -28.26 -0.29 2.06
CA ALA A 254 -29.68 -0.25 2.53
C ALA A 254 -29.96 -1.22 3.63
N HIS A 255 -29.42 -2.43 3.48
CA HIS A 255 -29.50 -3.48 4.53
C HIS A 255 -28.70 -3.26 5.84
N CYS A 256 -27.83 -2.23 5.88
CA CYS A 256 -26.85 -2.06 6.97
C CYS A 256 -27.35 -1.16 8.11
N HIS A 257 -26.64 -1.19 9.23
CA HIS A 257 -26.99 -0.40 10.40
C HIS A 257 -26.94 1.09 10.10
N GLU A 258 -27.72 1.87 10.85
CA GLU A 258 -27.80 3.33 10.67
C GLU A 258 -26.46 4.01 10.73
N ASN A 259 -25.66 3.66 11.73
CA ASN A 259 -24.24 4.09 11.84
C ASN A 259 -23.43 3.92 10.54
N VAL A 260 -23.72 2.89 9.78
CA VAL A 260 -23.06 2.68 8.50
C VAL A 260 -23.68 3.58 7.42
N ARG A 261 -25.02 3.61 7.36
CA ARG A 261 -25.76 4.43 6.37
C ARG A 261 -25.48 5.94 6.53
N ARG A 262 -25.41 6.43 7.76
CA ARG A 262 -25.03 7.83 8.02
C ARG A 262 -23.74 8.18 7.29
N GLY A 263 -22.78 7.28 7.35
CA GLY A 263 -21.46 7.50 6.76
C GLY A 263 -21.39 7.73 5.26
N ILE A 264 -22.37 7.21 4.53
CA ILE A 264 -22.35 7.32 3.07
C ILE A 264 -22.37 8.80 2.65
N ASP A 265 -23.13 9.62 3.39
CA ASP A 265 -23.28 11.07 3.11
C ASP A 265 -21.96 11.87 3.06
N TYR A 266 -20.92 11.45 3.78
CA TYR A 266 -19.69 12.23 3.88
C TYR A 266 -18.67 11.87 2.82
N LEU A 267 -18.94 10.86 2.01
CA LEU A 267 -17.98 10.43 0.98
C LEU A 267 -17.94 11.44 -0.19
N TRP A 268 -16.74 11.63 -0.71
CA TRP A 268 -16.54 12.31 -1.98
C TRP A 268 -17.22 11.44 -3.04
N LYS A 269 -18.16 12.03 -3.78
CA LYS A 269 -18.93 11.34 -4.83
C LYS A 269 -18.39 11.57 -6.25
N ASP A 270 -17.52 12.55 -6.43
CA ASP A 270 -16.94 12.88 -7.73
C ASP A 270 -15.75 12.00 -8.18
N ARG A 271 -15.45 10.92 -7.47
CA ARG A 271 -14.23 10.12 -7.72
C ARG A 271 -14.30 8.87 -6.82
N TRP A 272 -14.03 7.71 -7.40
CA TRP A 272 -14.06 6.44 -6.67
C TRP A 272 -12.99 5.49 -7.22
N TRP A 273 -12.75 4.38 -6.54
CA TRP A 273 -11.63 3.49 -6.85
C TRP A 273 -12.14 2.07 -7.04
N PRO A 274 -12.36 1.66 -8.31
CA PRO A 274 -12.70 0.27 -8.56
C PRO A 274 -11.53 -0.63 -8.15
N MET A 275 -11.81 -1.74 -7.47
CA MET A 275 -10.72 -2.57 -6.88
C MET A 275 -10.37 -3.73 -7.79
N TYR A 276 -9.19 -3.60 -8.38
CA TYR A 276 -8.50 -4.60 -9.19
C TYR A 276 -7.26 -5.05 -8.45
N ASP A 277 -6.78 -6.23 -8.74
CA ASP A 277 -5.42 -6.63 -8.31
C ASP A 277 -4.87 -7.42 -9.48
N ARG A 278 -3.83 -8.21 -9.28
CA ARG A 278 -3.34 -9.09 -10.33
C ARG A 278 -2.97 -10.41 -9.73
N GLU A 279 -3.06 -11.43 -10.57
CA GLU A 279 -2.62 -12.74 -10.20
C GLU A 279 -1.13 -12.63 -9.86
N PRO A 280 -0.70 -13.32 -8.81
CA PRO A 280 0.68 -13.29 -8.34
C PRO A 280 1.63 -13.81 -9.40
N ILE A 281 2.81 -13.21 -9.52
CA ILE A 281 3.89 -13.75 -10.38
C ILE A 281 5.16 -13.90 -9.59
N GLU A 282 5.99 -14.83 -10.03
CA GLU A 282 7.20 -15.19 -9.35
C GLU A 282 8.36 -14.29 -9.77
N ASN A 283 8.54 -14.09 -11.07
CA ASN A 283 9.68 -13.37 -11.62
C ASN A 283 9.32 -11.94 -11.89
N TRP A 284 10.08 -11.01 -11.29
CA TRP A 284 9.88 -9.57 -11.48
C TRP A 284 11.01 -8.89 -12.24
N VAL A 285 12.03 -9.65 -12.62
CA VAL A 285 13.27 -9.11 -13.19
C VAL A 285 13.32 -9.38 -14.70
N ASP A 286 13.59 -8.33 -15.47
CA ASP A 286 14.00 -8.40 -16.90
C ASP A 286 15.41 -7.73 -17.05
N GLY A 287 16.46 -8.56 -17.03
CA GLY A 287 17.85 -8.13 -17.20
C GLY A 287 18.33 -7.27 -16.06
N ARG A 288 18.39 -5.95 -16.29
CA ARG A 288 18.75 -4.99 -15.24
C ARG A 288 17.56 -4.14 -14.82
N MET A 289 16.36 -4.57 -15.24
CA MET A 289 15.15 -4.00 -14.70
C MET A 289 14.47 -4.91 -13.69
N ILE A 290 14.04 -4.34 -12.55
CA ILE A 290 13.12 -5.05 -11.62
C ILE A 290 11.83 -4.27 -11.43
N LEU A 291 10.70 -4.97 -11.49
CA LEU A 291 9.42 -4.38 -11.08
C LEU A 291 9.34 -4.37 -9.55
N LEU A 292 8.87 -3.26 -8.97
CA LEU A 292 8.56 -3.22 -7.53
C LEU A 292 7.24 -2.49 -7.30
N GLY A 293 6.77 -2.46 -6.05
CA GLY A 293 5.53 -1.74 -5.71
C GLY A 293 4.37 -2.42 -6.34
N ASP A 294 3.30 -1.69 -6.59
CA ASP A 294 2.14 -2.22 -7.34
C ASP A 294 2.42 -2.77 -8.75
N ALA A 295 3.51 -2.32 -9.38
CA ALA A 295 3.92 -2.87 -10.67
C ALA A 295 4.15 -4.33 -10.58
N ALA A 296 4.72 -4.78 -9.46
CA ALA A 296 5.04 -6.18 -9.26
C ALA A 296 3.94 -6.95 -8.49
N HIS A 297 3.30 -6.32 -7.53
CA HIS A 297 2.40 -7.04 -6.65
C HIS A 297 1.23 -6.17 -6.15
N PRO A 298 0.30 -5.83 -7.05
CA PRO A 298 -0.80 -4.92 -6.67
C PRO A 298 -1.90 -5.69 -5.90
N PRO A 299 -2.22 -5.32 -4.68
CA PRO A 299 -3.20 -6.13 -3.92
C PRO A 299 -4.56 -5.46 -3.82
N LEU A 300 -5.55 -6.21 -3.44
CA LEU A 300 -6.82 -5.63 -2.94
C LEU A 300 -6.54 -5.13 -1.56
N GLN A 301 -7.25 -4.14 -1.08
CA GLN A 301 -6.69 -3.42 0.06
C GLN A 301 -7.13 -3.91 1.46
N TYR A 302 -7.62 -5.14 1.57
CA TYR A 302 -8.17 -5.65 2.83
C TYR A 302 -7.17 -5.82 3.97
N LEU A 303 -5.93 -6.14 3.62
CA LEU A 303 -4.83 -6.13 4.58
C LEU A 303 -4.12 -4.76 4.75
N ALA A 304 -4.55 -3.71 4.06
CA ALA A 304 -3.93 -2.37 4.32
C ALA A 304 -2.37 -2.37 4.24
N SER A 305 -1.86 -3.00 3.19
CA SER A 305 -0.48 -3.35 3.09
C SER A 305 0.25 -3.17 1.75
N GLY A 306 -0.41 -2.61 0.75
CA GLY A 306 0.24 -2.36 -0.52
C GLY A 306 1.35 -1.31 -0.48
N ALA A 307 1.08 -0.17 0.15
CA ALA A 307 2.17 0.80 0.25
C ALA A 307 3.27 0.26 1.11
N VAL A 308 2.88 -0.43 2.18
CA VAL A 308 3.82 -1.01 3.09
C VAL A 308 4.71 -1.97 2.31
N MET A 309 4.12 -2.79 1.47
CA MET A 309 4.90 -3.71 0.64
C MET A 309 5.92 -2.97 -0.20
N ALA A 310 5.56 -1.83 -0.80
CA ALA A 310 6.52 -1.04 -1.61
C ALA A 310 7.70 -0.45 -0.77
N ILE A 311 7.37 -0.10 0.47
CA ILE A 311 8.34 0.39 1.45
C ILE A 311 9.32 -0.72 1.85
N GLU A 312 8.80 -1.93 2.13
CA GLU A 312 9.60 -3.12 2.30
C GLU A 312 10.51 -3.43 1.10
N ASP A 313 9.94 -3.34 -0.10
CA ASP A 313 10.68 -3.52 -1.31
C ASP A 313 11.96 -2.63 -1.29
N ALA A 314 11.74 -1.34 -0.94
CA ALA A 314 12.81 -0.34 -0.82
C ALA A 314 13.88 -0.71 0.17
N LYS A 315 13.49 -1.19 1.34
CA LYS A 315 14.48 -1.53 2.33
C LYS A 315 15.25 -2.76 1.91
N CYS A 316 14.51 -3.78 1.46
CA CYS A 316 15.16 -5.00 1.03
C CYS A 316 16.16 -4.76 -0.11
N LEU A 317 15.80 -3.94 -1.09
CA LEU A 317 16.69 -3.70 -2.22
C LEU A 317 17.97 -2.94 -1.82
N ALA A 318 17.77 -1.83 -1.09
CA ALA A 318 18.85 -1.05 -0.52
C ALA A 318 19.78 -1.90 0.40
N ASP A 319 19.21 -2.67 1.30
CA ASP A 319 20.01 -3.46 2.20
C ASP A 319 20.82 -4.50 1.45
N TYR A 320 20.18 -5.19 0.49
CA TYR A 320 20.82 -6.37 -0.14
C TYR A 320 21.90 -5.85 -1.09
N ALA A 321 21.60 -4.81 -1.86
CA ALA A 321 22.60 -4.17 -2.73
C ALA A 321 23.82 -3.63 -1.96
N ALA A 322 23.58 -2.92 -0.85
CA ALA A 322 24.66 -2.40 0.01
C ALA A 322 25.59 -3.48 0.50
N GLU A 323 25.04 -4.64 0.79
CA GLU A 323 25.83 -5.77 1.23
C GLU A 323 26.74 -6.34 0.12
N ASP A 324 26.19 -6.53 -1.09
CA ASP A 324 26.88 -7.24 -2.19
C ASP A 324 27.66 -6.30 -3.15
N PHE A 325 27.27 -5.02 -3.24
CA PHE A 325 27.88 -4.09 -4.20
C PHE A 325 29.27 -3.65 -3.75
N SER A 326 29.42 -3.35 -2.46
CA SER A 326 30.72 -3.02 -1.87
C SER A 326 31.81 -4.01 -2.28
N THR A 327 31.51 -5.31 -2.25
CA THR A 327 32.47 -6.38 -2.61
C THR A 327 32.49 -6.81 -4.10
N GLY A 328 31.39 -6.64 -4.85
CA GLY A 328 31.24 -7.15 -6.24
C GLY A 328 30.98 -6.15 -7.39
N GLY A 329 30.80 -4.87 -7.05
CA GLY A 329 30.65 -3.81 -8.07
C GLY A 329 29.40 -3.92 -8.94
N ASN A 330 29.42 -3.22 -10.07
CA ASN A 330 28.34 -3.23 -11.09
C ASN A 330 28.00 -4.63 -11.62
N SER A 331 29.01 -5.46 -11.69
CA SER A 331 28.86 -6.83 -12.09
C SER A 331 27.82 -7.57 -11.26
N ALA A 332 27.78 -7.28 -9.96
CA ALA A 332 26.91 -7.96 -9.01
C ALA A 332 25.41 -7.66 -9.14
N TRP A 333 25.03 -6.66 -9.95
CA TRP A 333 23.65 -6.18 -9.98
C TRP A 333 22.52 -7.21 -10.31
N PRO A 334 22.72 -8.09 -11.31
CA PRO A 334 21.70 -9.10 -11.59
C PRO A 334 21.52 -10.11 -10.44
N GLN A 335 22.60 -10.53 -9.81
CA GLN A 335 22.53 -11.39 -8.64
C GLN A 335 21.77 -10.68 -7.50
N ILE A 336 22.00 -9.38 -7.36
CA ILE A 336 21.30 -8.60 -6.37
C ILE A 336 19.80 -8.60 -6.63
N LEU A 337 19.42 -8.33 -7.87
CA LEU A 337 18.01 -8.30 -8.22
C LEU A 337 17.26 -9.63 -8.03
N LYS A 338 17.99 -10.71 -8.33
CA LYS A 338 17.46 -12.02 -8.25
C LYS A 338 17.21 -12.30 -6.78
N GLU A 339 18.16 -11.95 -5.93
CA GLU A 339 18.03 -12.25 -4.51
C GLU A 339 16.96 -11.36 -3.84
N VAL A 340 16.81 -10.13 -4.30
CA VAL A 340 15.68 -9.30 -3.89
C VAL A 340 14.36 -9.96 -4.34
N ASN A 341 14.35 -10.45 -5.58
CA ASN A 341 13.16 -11.03 -6.14
C ASN A 341 12.73 -12.24 -5.31
N THR A 342 13.70 -13.08 -4.98
CA THR A 342 13.49 -14.33 -4.29
C THR A 342 12.98 -14.12 -2.88
N GLU A 343 13.55 -13.18 -2.16
CA GLU A 343 13.05 -12.79 -0.84
C GLU A 343 11.60 -12.21 -0.90
N ARG A 344 11.31 -11.39 -1.92
CA ARG A 344 10.14 -10.52 -1.88
C ARG A 344 8.88 -11.14 -2.49
N ALA A 345 9.06 -11.91 -3.57
CA ALA A 345 7.97 -12.62 -4.22
C ALA A 345 7.06 -13.46 -3.28
N PRO A 346 7.61 -14.45 -2.51
CA PRO A 346 6.71 -15.23 -1.62
C PRO A 346 6.02 -14.38 -0.58
N ARG A 347 6.75 -13.45 0.05
CA ARG A 347 6.15 -12.57 1.05
C ARG A 347 4.96 -11.80 0.45
N CYS A 348 5.19 -11.12 -0.66
CA CYS A 348 4.16 -10.29 -1.28
C CYS A 348 3.01 -11.08 -1.89
N ASN A 349 3.36 -12.17 -2.52
CA ASN A 349 2.34 -13.04 -3.16
C ASN A 349 1.42 -13.75 -2.15
N ARG A 350 1.94 -14.05 -0.96
CA ARG A 350 1.04 -14.47 0.12
C ARG A 350 0.06 -13.32 0.56
N ILE A 351 0.54 -12.08 0.60
CA ILE A 351 -0.37 -10.95 0.84
C ILE A 351 -1.50 -10.85 -0.22
N LEU A 352 -1.16 -10.97 -1.51
CA LEU A 352 -2.19 -10.87 -2.56
C LEU A 352 -3.27 -11.97 -2.39
N THR A 353 -2.82 -13.20 -2.17
CA THR A 353 -3.72 -14.35 -2.12
C THR A 353 -4.50 -14.36 -0.81
N THR A 354 -3.80 -14.17 0.30
CA THR A 354 -4.50 -14.10 1.55
C THR A 354 -5.41 -12.88 1.64
N GLY A 355 -4.98 -11.76 1.10
CA GLY A 355 -5.82 -10.55 0.96
C GLY A 355 -7.17 -10.85 0.34
N ARG A 356 -7.20 -11.68 -0.70
CA ARG A 356 -8.48 -12.02 -1.34
C ARG A 356 -9.41 -12.85 -0.43
N MET A 357 -8.82 -13.82 0.24
CA MET A 357 -9.54 -14.65 1.18
C MET A 357 -10.03 -13.82 2.39
N TRP A 358 -9.22 -12.90 2.85
CA TRP A 358 -9.59 -12.06 3.99
C TRP A 358 -10.80 -11.23 3.57
N GLY A 359 -10.76 -10.68 2.36
CA GLY A 359 -11.85 -9.88 1.89
C GLY A 359 -13.14 -10.64 1.79
N GLU A 360 -13.08 -11.83 1.25
CA GLU A 360 -14.25 -12.70 1.18
C GLU A 360 -14.85 -13.01 2.56
N LEU A 361 -13.97 -13.16 3.55
CA LEU A 361 -14.37 -13.39 4.92
C LEU A 361 -15.14 -12.20 5.45
N TRP A 362 -14.74 -10.99 5.11
CA TRP A 362 -15.51 -9.79 5.52
C TRP A 362 -16.96 -9.73 4.98
N HIS A 363 -17.17 -10.31 3.82
CA HIS A 363 -18.33 -10.04 2.98
C HIS A 363 -19.41 -11.13 2.96
N LEU A 364 -19.19 -12.13 3.81
CA LEU A 364 -20.06 -13.29 3.85
C LEU A 364 -21.46 -12.96 4.36
N ASP A 365 -22.39 -13.82 3.98
CA ASP A 365 -23.82 -13.58 4.23
C ASP A 365 -24.42 -14.82 4.86
N GLY A 366 -25.61 -14.68 5.42
CA GLY A 366 -26.42 -15.83 5.89
C GLY A 366 -25.72 -16.56 7.01
N THR A 367 -25.85 -17.87 6.99
CA THR A 367 -25.22 -18.75 7.97
C THR A 367 -23.68 -18.59 8.03
N ALA A 368 -23.05 -18.42 6.89
CA ALA A 368 -21.61 -18.07 6.82
C ALA A 368 -21.23 -16.81 7.64
N ARG A 369 -22.08 -15.80 7.61
CA ARG A 369 -21.88 -14.62 8.42
C ARG A 369 -21.99 -14.93 9.92
N ILE A 370 -22.90 -15.84 10.26
CA ILE A 370 -23.11 -16.20 11.65
C ILE A 370 -21.92 -17.00 12.18
N ALA A 371 -21.40 -17.92 11.38
CA ALA A 371 -20.18 -18.67 11.70
C ALA A 371 -18.97 -17.72 11.85
N ARG A 372 -18.83 -16.76 10.96
CA ARG A 372 -17.72 -15.83 10.95
C ARG A 372 -17.74 -14.92 12.17
N ASN A 373 -18.90 -14.36 12.47
CA ASN A 373 -19.08 -13.56 13.69
C ASN A 373 -18.67 -14.34 14.94
N GLU A 374 -19.16 -15.56 15.07
CA GLU A 374 -18.85 -16.34 16.21
C GLU A 374 -17.34 -16.67 16.30
N LEU A 375 -16.70 -16.96 15.17
CA LEU A 375 -15.23 -17.17 15.10
C LEU A 375 -14.46 -15.99 15.64
N PHE A 376 -14.86 -14.80 15.22
CA PHE A 376 -14.23 -13.55 15.64
C PHE A 376 -14.38 -13.32 17.16
N ARG A 377 -15.60 -13.47 17.66
CA ARG A 377 -15.91 -13.20 19.06
C ARG A 377 -15.16 -14.08 20.04
N THR A 378 -15.05 -15.37 19.70
CA THR A 378 -14.53 -16.36 20.61
C THR A 378 -13.02 -16.64 20.51
N ARG A 379 -12.28 -15.94 19.63
CA ARG A 379 -10.86 -16.27 19.42
C ARG A 379 -10.05 -15.95 20.68
N ASP A 380 -8.87 -16.53 20.76
CA ASP A 380 -7.93 -16.23 21.82
C ASP A 380 -7.26 -14.90 21.46
N THR A 381 -7.61 -13.80 22.13
CA THR A 381 -7.07 -12.48 21.82
C THR A 381 -5.58 -12.28 22.25
N SER A 382 -5.04 -13.13 23.09
CA SER A 382 -3.62 -13.10 23.38
C SER A 382 -2.78 -13.82 22.35
N SER A 383 -3.42 -14.56 21.45
CA SER A 383 -2.68 -15.25 20.39
C SER A 383 -2.31 -14.23 19.30
N TYR A 384 -1.21 -14.49 18.63
CA TYR A 384 -0.78 -13.71 17.50
C TYR A 384 -0.67 -14.52 16.21
N LYS A 385 -1.19 -15.74 16.20
CA LYS A 385 -1.04 -16.59 15.02
C LYS A 385 -1.69 -16.01 13.74
N TYR A 386 -2.77 -15.23 13.85
CA TYR A 386 -3.36 -14.67 12.64
C TYR A 386 -2.57 -13.50 11.99
N THR A 387 -1.60 -12.92 12.72
CA THR A 387 -0.92 -11.72 12.26
C THR A 387 0.62 -11.71 12.23
N ASP A 388 1.29 -12.61 12.96
CA ASP A 388 2.77 -12.65 12.96
C ASP A 388 3.40 -12.66 11.54
N TRP A 389 2.79 -13.41 10.65
CA TRP A 389 3.28 -13.57 9.29
C TRP A 389 3.26 -12.21 8.52
N LEU A 390 2.34 -11.33 8.93
CA LEU A 390 2.15 -10.05 8.30
C LEU A 390 3.04 -9.05 9.01
N TRP A 391 2.75 -8.77 10.26
CA TRP A 391 3.37 -7.72 11.03
C TRP A 391 4.75 -8.06 11.62
N GLY A 392 5.11 -9.32 11.65
CA GLY A 392 6.37 -9.79 12.24
C GLY A 392 7.39 -10.20 11.19
N TYR A 393 7.10 -10.00 9.92
CA TYR A 393 8.11 -10.21 8.87
C TYR A 393 9.26 -9.17 8.89
N SER A 394 10.44 -9.65 8.57
CA SER A 394 11.52 -8.78 8.20
C SER A 394 12.41 -9.37 7.13
N SER A 395 12.88 -8.51 6.24
CA SER A 395 13.78 -8.95 5.20
C SER A 395 15.24 -9.19 5.68
N ASP A 396 15.56 -8.84 6.93
CA ASP A 396 16.96 -8.91 7.42
C ASP A 396 17.53 -10.34 7.34
N ARG A 397 18.76 -10.46 6.87
CA ARG A 397 19.42 -11.77 6.75
C ARG A 397 20.74 -11.77 7.49
PA FAD B . 1.50 4.12 -7.49
O1A FAD B . 1.23 4.79 -6.20
O2A FAD B . 0.44 3.82 -8.49
O5B FAD B . 2.54 5.04 -8.24
C5B FAD B . 3.02 4.85 -9.56
C4B FAD B . 3.52 6.22 -10.02
O4B FAD B . 4.19 6.16 -11.28
C3B FAD B . 2.39 7.25 -10.13
O3B FAD B . 2.77 8.47 -9.41
C2B FAD B . 2.21 7.49 -11.63
O2B FAD B . 1.87 8.84 -11.92
C1B FAD B . 3.62 7.19 -12.14
N9A FAD B . 3.78 6.66 -13.49
C8A FAD B . 2.99 5.80 -14.15
N7A FAD B . 3.57 5.48 -15.32
C5A FAD B . 4.75 6.13 -15.41
C6A FAD B . 5.84 6.23 -16.39
N6A FAD B . 5.74 5.53 -17.55
N1A FAD B . 6.89 7.01 -16.08
C2A FAD B . 6.95 7.70 -14.93
N3A FAD B . 6.00 7.63 -13.98
C4A FAD B . 4.90 6.89 -14.18
N1 FAD B . -1.74 0.57 1.21
C2 FAD B . -1.38 0.63 2.50
O2 FAD B . -0.26 0.28 2.88
N3 FAD B . -2.25 1.01 3.44
C4 FAD B . -3.51 1.38 3.18
O4 FAD B . -4.27 1.79 4.05
C4X FAD B . -3.95 1.40 1.81
N5 FAD B . -5.21 1.75 1.55
C5X FAD B . -5.61 1.73 0.26
C6 FAD B . -6.92 2.12 -0.02
C7 FAD B . -7.36 2.13 -1.36
C7M FAD B . -8.78 2.53 -1.63
C8 FAD B . -6.44 1.70 -2.46
C8M FAD B . -6.86 1.64 -3.92
C9 FAD B . -5.16 1.30 -2.16
C9A FAD B . -4.69 1.31 -0.85
N10 FAD B . -3.38 0.89 -0.56
C10 FAD B . -2.96 0.94 0.80
C1' FAD B . -2.45 0.42 -1.60
C2' FAD B . -1.47 1.50 -1.98
O2' FAD B . -2.15 2.70 -2.31
C3' FAD B . -0.64 1.05 -3.16
O3' FAD B . -0.21 -0.30 -3.01
C4' FAD B . 0.62 1.86 -3.30
O4' FAD B . 0.32 3.20 -3.38
C5' FAD B . 1.39 1.58 -4.57
O5' FAD B . 2.44 2.50 -4.65
P FAD B . 3.38 2.45 -5.96
O1P FAD B . 4.40 3.57 -5.69
O2P FAD B . 3.95 1.08 -6.13
O3P FAD B . 2.36 2.76 -7.22
C1 T7X C . -0.07 -23.15 11.83
O1 T7X C . 0.92 -22.34 12.30
P1 T7X C . 0.37 -21.20 13.36
C2 T7X C . 0.20 -23.60 10.33
O2 T7X C . 0.32 -22.44 9.57
C3 T7X C . -0.95 -24.51 9.83
O3 T7X C . -0.68 -24.97 8.50
C4 T7X C . -1.22 -25.69 10.78
O4 T7X C . -2.36 -26.43 10.28
C5 T7X C . -1.45 -25.25 12.22
O5 T7X C . -1.73 -26.31 13.17
C6 T7X C . -0.24 -24.45 12.73
O6 T7X C . 0.96 -25.17 12.66
C7 T7X C . -0.41 -19.43 11.25
C8 T7X C . -1.68 -19.23 10.31
C9 T7X C . -2.77 -20.24 10.68
C10 T7X C . -2.76 -17.31 9.07
C11 T7X C . -5.00 -20.64 10.54
O11 T7X C . 1.64 -20.52 13.78
C12 T7X C . -4.17 -16.83 9.25
O12 T7X C . -0.34 -21.86 14.57
C13 T7X C . -4.78 -16.59 7.87
O13 T7X C . -0.69 -20.13 12.50
C14 T7X C . -4.71 -15.09 7.58
C15 T7X C . -6.15 -14.55 7.63
C16 T7X C . -6.46 -13.33 8.10
O16 T7X C . -2.10 -17.88 10.23
C17 T7X C . -5.45 -12.32 8.64
O17 T7X C . -2.33 -17.08 7.96
C18 T7X C . -6.11 -11.70 9.89
O18 T7X C . -3.99 -19.85 11.31
C19 T7X C . -6.06 -10.43 10.19
O19 T7X C . -5.08 -21.79 10.68
C20 T7X C . -5.32 -9.47 9.31
C21 T7X C . -5.38 -8.09 9.97
C22 T7X C . -5.67 -7.09 9.14
C23 T7X C . -5.74 -5.66 9.64
C24 T7X C . -6.30 -4.73 8.54
C25 T7X C . -7.33 -4.00 8.96
C26 T7X C . -8.12 -3.00 8.11
C27 T7X C . -9.35 -2.56 8.96
C31 T7X C . -5.95 -20.15 9.39
C32 T7X C . -7.47 -20.16 9.73
C33 T7X C . -8.23 -19.23 8.74
C34 T7X C . -9.42 -18.43 9.39
C35 T7X C . -9.10 -16.90 9.51
C36 T7X C . -9.70 -16.27 10.80
C37 T7X C . -9.03 -14.89 11.06
C38 T7X C . -9.70 -14.09 12.23
C39 T7X C . -8.96 -12.70 12.38
C40 T7X C . -9.26 -11.82 13.64
C41 T7X C . -8.03 -10.84 13.79
CL CL D . -3.58 -2.53 0.34
#